data_6OE6
#
_entry.id   6OE6
#
_cell.length_a   50.630
_cell.length_b   50.630
_cell.length_c   99.480
_cell.angle_alpha   90.000
_cell.angle_beta   90.000
_cell.angle_gamma   120.000
#
_symmetry.space_group_name_H-M   'P 31'
#
loop_
_entity.id
_entity.type
_entity.pdbx_description
1 polymer 'Uncharacterized protein'
2 non-polymer 'SODIUM ION'
3 non-polymer 'FORMIC ACID'
4 water water
#
_entity_poly.entity_id   1
_entity_poly.type   'polypeptide(L)'
_entity_poly.pdbx_seq_one_letter_code
;MAHHHHHHCFKPTGEFGWVLLDEEKFNIIEKKIMTVGEYTITRKNLIFPDDKTICYIYRFSRSVSESAETYVSLSKFQLG
YNEMDVLRKRPNPVSQTIEGSFQGLSPGKYLLKVAYEGDVIDEVEFLVRSTRTPYIEDTSSSADDIEKAMK
;
_entity_poly.pdbx_strand_id   A,B
#
# COMPACT_ATOMS: atom_id res chain seq x y z
N THR A 13 7.18 3.20 -22.28
CA THR A 13 6.24 2.90 -21.20
C THR A 13 5.11 1.99 -21.70
N GLY A 14 4.72 1.02 -20.87
CA GLY A 14 3.66 0.10 -21.22
C GLY A 14 2.29 0.69 -20.95
N GLU A 15 1.26 -0.13 -21.14
CA GLU A 15 -0.11 0.32 -20.99
C GLU A 15 -0.95 -0.71 -20.25
N PHE A 16 -1.82 -0.24 -19.35
CA PHE A 16 -2.83 -1.07 -18.70
C PHE A 16 -4.19 -0.86 -19.35
N GLY A 17 -4.95 -1.95 -19.50
CA GLY A 17 -6.30 -1.88 -19.97
C GLY A 17 -7.20 -2.70 -19.05
N TRP A 18 -8.49 -2.36 -19.04
CA TRP A 18 -9.40 -2.94 -18.07
C TRP A 18 -10.77 -3.23 -18.69
N VAL A 19 -11.42 -4.25 -18.15
CA VAL A 19 -12.84 -4.48 -18.43
C VAL A 19 -13.46 -5.10 -17.19
N LEU A 20 -14.70 -4.73 -16.89
CA LEU A 20 -15.43 -5.27 -15.74
C LEU A 20 -16.36 -6.38 -16.22
N LEU A 21 -16.33 -7.52 -15.54
CA LEU A 21 -17.08 -8.70 -15.95
C LEU A 21 -18.09 -9.11 -14.88
N ASP A 22 -19.30 -9.43 -15.29
CA ASP A 22 -20.28 -10.02 -14.38
C ASP A 22 -20.14 -11.52 -14.45
N GLU A 23 -19.88 -12.15 -13.30
CA GLU A 23 -19.71 -13.60 -13.28
C GLU A 23 -20.97 -14.29 -13.79
N GLU A 24 -22.09 -14.13 -13.08
CA GLU A 24 -23.40 -14.62 -13.53
C GLU A 24 -23.36 -16.09 -13.95
N MET A 34 -11.59 -13.69 -24.32
CA MET A 34 -11.46 -12.23 -24.21
C MET A 34 -10.40 -11.70 -25.17
N THR A 35 -10.67 -10.52 -25.73
CA THR A 35 -9.86 -9.98 -26.82
C THR A 35 -9.34 -8.60 -26.45
N VAL A 36 -8.16 -8.27 -27.01
CA VAL A 36 -7.45 -7.05 -26.63
C VAL A 36 -8.32 -5.82 -26.83
N GLY A 37 -9.11 -5.81 -27.90
CA GLY A 37 -9.98 -4.67 -28.17
C GLY A 37 -11.05 -4.43 -27.14
N GLU A 38 -11.39 -5.45 -26.33
CA GLU A 38 -12.43 -5.28 -25.32
C GLU A 38 -11.97 -4.42 -24.15
N TYR A 39 -10.66 -4.24 -23.97
CA TYR A 39 -10.14 -3.54 -22.81
C TYR A 39 -10.10 -2.04 -23.05
N THR A 40 -10.37 -1.27 -22.00
CA THR A 40 -10.26 0.18 -22.04
C THR A 40 -8.90 0.58 -21.48
N ILE A 41 -8.12 1.29 -22.28
CA ILE A 41 -6.73 1.61 -21.97
CA ILE A 41 -6.73 1.60 -21.95
C ILE A 41 -6.68 2.90 -21.16
N THR A 42 -6.28 2.80 -19.89
CA THR A 42 -6.07 3.98 -19.06
C THR A 42 -5.45 3.56 -17.74
N ARG A 43 -4.76 4.51 -17.11
CA ARG A 43 -4.15 4.27 -15.81
C ARG A 43 -4.49 5.37 -14.82
N LYS A 44 -5.52 6.18 -15.11
CA LYS A 44 -5.86 7.34 -14.29
C LYS A 44 -7.26 7.21 -13.72
N ASN A 45 -7.41 7.61 -12.45
CA ASN A 45 -8.71 7.72 -11.79
C ASN A 45 -9.50 6.43 -11.88
N LEU A 46 -8.84 5.30 -11.62
CA LEU A 46 -9.51 4.02 -11.74
C LEU A 46 -10.31 3.72 -10.48
N ILE A 47 -11.64 3.62 -10.64
CA ILE A 47 -12.59 3.40 -9.56
C ILE A 47 -13.53 2.27 -9.98
N PHE A 48 -13.39 1.12 -9.34
CA PHE A 48 -14.11 -0.09 -9.72
C PHE A 48 -15.08 -0.50 -8.60
N PRO A 49 -16.21 -1.09 -8.95
CA PRO A 49 -17.15 -1.57 -7.94
C PRO A 49 -16.67 -2.90 -7.35
N ASP A 50 -17.30 -3.30 -6.24
CA ASP A 50 -16.94 -4.54 -5.56
C ASP A 50 -17.76 -5.73 -6.02
N ASP A 51 -18.59 -5.57 -7.05
CA ASP A 51 -19.47 -6.66 -7.46
C ASP A 51 -19.25 -7.09 -8.90
N LYS A 52 -18.14 -6.68 -9.50
CA LYS A 52 -17.73 -7.09 -10.83
CA LYS A 52 -17.74 -7.12 -10.82
C LYS A 52 -16.30 -7.61 -10.78
N THR A 53 -16.01 -8.61 -11.60
CA THR A 53 -14.64 -9.11 -11.66
C THR A 53 -13.81 -8.11 -12.48
N ILE A 54 -12.68 -7.69 -11.91
CA ILE A 54 -11.83 -6.65 -12.52
C ILE A 54 -10.80 -7.37 -13.38
N CYS A 55 -10.91 -7.22 -14.70
CA CYS A 55 -10.00 -7.89 -15.63
C CYS A 55 -9.02 -6.88 -16.21
N TYR A 56 -7.74 -7.22 -16.21
CA TYR A 56 -6.75 -6.32 -16.76
C TYR A 56 -5.93 -6.98 -17.86
N ILE A 57 -5.38 -6.12 -18.70
CA ILE A 57 -4.36 -6.51 -19.66
C ILE A 57 -3.20 -5.55 -19.44
N TYR A 58 -1.97 -6.04 -19.61
CA TYR A 58 -0.81 -5.18 -19.65
C TYR A 58 -0.05 -5.39 -20.95
N ARG A 59 0.17 -4.31 -21.69
CA ARG A 59 0.95 -4.38 -22.93
C ARG A 59 2.33 -3.82 -22.68
N PHE A 60 3.36 -4.66 -22.85
CA PHE A 60 4.72 -4.25 -22.60
C PHE A 60 5.20 -3.26 -23.65
N SER A 61 6.01 -2.29 -23.22
CA SER A 61 6.59 -1.33 -24.13
C SER A 61 7.69 -1.93 -25.02
N ARG A 62 8.26 -3.07 -24.63
CA ARG A 62 9.26 -3.76 -25.44
C ARG A 62 8.78 -5.18 -25.74
N SER A 63 9.45 -5.84 -26.69
CA SER A 63 9.10 -7.22 -26.95
C SER A 63 9.57 -8.10 -25.80
N VAL A 64 8.82 -9.19 -25.56
CA VAL A 64 9.08 -10.06 -24.41
C VAL A 64 9.03 -11.51 -24.87
N SER A 65 9.66 -12.37 -24.08
CA SER A 65 9.72 -13.79 -24.34
C SER A 65 8.73 -14.53 -23.45
N GLU A 66 8.11 -15.58 -24.02
CA GLU A 66 7.21 -16.41 -23.25
C GLU A 66 7.92 -17.11 -22.09
N SER A 67 9.23 -17.31 -22.21
CA SER A 67 9.99 -18.01 -21.17
C SER A 67 10.63 -17.06 -20.14
N ALA A 68 10.55 -15.75 -20.34
CA ALA A 68 11.14 -14.82 -19.39
C ALA A 68 10.33 -14.77 -18.11
N GLU A 69 11.00 -14.55 -16.99
CA GLU A 69 10.32 -14.53 -15.69
C GLU A 69 9.51 -13.25 -15.57
N THR A 70 8.19 -13.39 -15.58
CA THR A 70 7.28 -12.26 -15.40
C THR A 70 6.39 -12.52 -14.20
N TYR A 71 6.17 -11.48 -13.39
CA TYR A 71 5.31 -11.58 -12.23
C TYR A 71 4.44 -10.34 -12.15
N VAL A 72 3.28 -10.49 -11.51
CA VAL A 72 2.55 -9.34 -10.99
C VAL A 72 2.47 -9.51 -9.48
N SER A 73 2.29 -8.38 -8.80
CA SER A 73 1.89 -8.40 -7.39
C SER A 73 0.76 -7.41 -7.20
N LEU A 74 -0.11 -7.72 -6.27
CA LEU A 74 -1.13 -6.78 -5.85
C LEU A 74 -0.91 -6.47 -4.39
N SER A 75 -1.02 -5.19 -4.04
CA SER A 75 -0.87 -4.73 -2.67
C SER A 75 -2.14 -3.99 -2.27
N LYS A 76 -2.51 -4.11 -1.00
CA LYS A 76 -3.69 -3.42 -0.49
C LYS A 76 -3.23 -2.34 0.49
N PHE A 77 -3.84 -1.16 0.41
CA PHE A 77 -3.42 -0.07 1.29
C PHE A 77 -4.01 -0.23 2.70
N GLN A 78 -3.13 -0.20 3.70
CA GLN A 78 -3.56 -0.17 5.10
C GLN A 78 -2.73 0.94 5.73
N LEU A 79 -1.67 0.62 6.48
CA LEU A 79 -0.74 1.68 6.87
C LEU A 79 0.34 1.70 5.79
N GLY A 80 -0.01 2.30 4.66
CA GLY A 80 0.77 2.14 3.45
C GLY A 80 0.41 0.83 2.75
N TYR A 81 1.00 0.61 1.57
CA TYR A 81 0.68 -0.59 0.80
C TYR A 81 1.35 -1.82 1.40
N ASN A 82 0.60 -2.92 1.46
CA ASN A 82 1.13 -4.20 1.92
C ASN A 82 0.86 -5.21 0.83
N GLU A 83 1.90 -5.96 0.46
CA GLU A 83 1.79 -6.92 -0.62
C GLU A 83 0.84 -8.04 -0.22
N MET A 84 -0.10 -8.37 -1.10
CA MET A 84 -1.00 -9.49 -0.84
C MET A 84 -0.37 -10.81 -1.26
N ASP A 85 0.12 -10.84 -2.49
CA ASP A 85 0.80 -12.01 -3.01
CA ASP A 85 0.65 -12.05 -3.09
C ASP A 85 1.34 -11.64 -4.38
N VAL A 86 2.09 -12.57 -4.95
CA VAL A 86 2.64 -12.44 -6.30
C VAL A 86 2.11 -13.59 -7.12
N LEU A 87 2.11 -13.39 -8.44
CA LEU A 87 1.66 -14.44 -9.34
C LEU A 87 2.53 -14.43 -10.57
N ARG A 88 3.10 -15.59 -10.91
CA ARG A 88 3.88 -15.74 -12.13
C ARG A 88 2.95 -15.65 -13.33
N LYS A 89 3.36 -14.87 -14.34
CA LYS A 89 2.58 -14.69 -15.55
C LYS A 89 3.38 -15.12 -16.76
N ARG A 90 2.67 -15.67 -17.74
CA ARG A 90 3.33 -16.10 -18.98
C ARG A 90 2.93 -15.15 -20.10
N PRO A 91 3.86 -14.36 -20.63
CA PRO A 91 3.49 -13.39 -21.67
C PRO A 91 3.08 -14.07 -22.96
N ASN A 92 2.14 -13.44 -23.67
CA ASN A 92 1.86 -13.80 -25.05
C ASN A 92 2.84 -13.03 -25.92
N PRO A 93 3.75 -13.71 -26.62
CA PRO A 93 4.82 -12.98 -27.33
C PRO A 93 4.37 -12.38 -28.66
N VAL A 94 3.17 -12.68 -29.12
CA VAL A 94 2.66 -12.02 -30.34
C VAL A 94 2.00 -10.68 -30.01
N SER A 95 1.08 -10.70 -29.06
CA SER A 95 0.41 -9.47 -28.63
C SER A 95 1.24 -8.67 -27.64
N GLN A 96 2.32 -9.24 -27.09
CA GLN A 96 3.18 -8.58 -26.11
C GLN A 96 2.38 -8.17 -24.88
N THR A 97 1.59 -9.12 -24.36
CA THR A 97 0.69 -8.83 -23.24
C THR A 97 0.79 -9.92 -22.18
N ILE A 98 0.36 -9.56 -20.96
CA ILE A 98 -0.12 -10.49 -19.95
C ILE A 98 -1.52 -10.03 -19.56
N GLU A 99 -2.29 -10.95 -18.99
CA GLU A 99 -3.67 -10.66 -18.61
C GLU A 99 -3.95 -11.31 -17.26
N GLY A 100 -4.86 -10.71 -16.48
CA GLY A 100 -5.30 -11.36 -15.25
C GLY A 100 -6.61 -10.76 -14.81
N SER A 101 -7.07 -11.19 -13.63
CA SER A 101 -8.33 -10.66 -13.12
C SER A 101 -8.42 -10.86 -11.62
N PHE A 102 -9.27 -10.03 -11.00
CA PHE A 102 -9.44 -10.03 -9.55
C PHE A 102 -10.92 -10.13 -9.23
N GLN A 103 -11.32 -11.24 -8.59
CA GLN A 103 -12.70 -11.47 -8.16
C GLN A 103 -12.83 -11.31 -6.66
N GLY A 104 -13.79 -10.50 -6.20
CA GLY A 104 -14.04 -10.44 -4.78
C GLY A 104 -13.06 -9.63 -3.94
N LEU A 105 -12.33 -8.67 -4.53
CA LEU A 105 -11.51 -7.79 -3.68
C LEU A 105 -12.40 -7.01 -2.72
N SER A 106 -11.94 -6.85 -1.48
CA SER A 106 -12.63 -5.99 -0.52
C SER A 106 -12.51 -4.53 -0.97
N PRO A 107 -13.45 -3.68 -0.55
CA PRO A 107 -13.29 -2.25 -0.85
C PRO A 107 -11.96 -1.75 -0.30
N GLY A 108 -11.31 -0.90 -1.08
CA GLY A 108 -10.04 -0.34 -0.65
C GLY A 108 -9.23 0.18 -1.81
N LYS A 109 -7.98 0.49 -1.51
CA LYS A 109 -7.06 1.04 -2.50
C LYS A 109 -5.99 0.00 -2.77
N TYR A 110 -5.68 -0.23 -4.04
CA TYR A 110 -4.80 -1.31 -4.48
C TYR A 110 -3.73 -0.80 -5.42
N LEU A 111 -2.60 -1.51 -5.41
CA LEU A 111 -1.44 -1.19 -6.24
C LEU A 111 -1.04 -2.48 -6.95
N LEU A 112 -1.07 -2.43 -8.26
CA LEU A 112 -0.71 -3.58 -9.11
C LEU A 112 0.65 -3.28 -9.71
N LYS A 113 1.63 -4.16 -9.50
CA LYS A 113 2.97 -3.99 -10.03
C LYS A 113 3.24 -5.09 -11.05
N VAL A 114 4.02 -4.75 -12.08
CA VAL A 114 4.44 -5.71 -13.11
C VAL A 114 5.96 -5.83 -13.04
N ALA A 115 6.46 -7.06 -12.93
CA ALA A 115 7.89 -7.31 -12.88
C ALA A 115 8.31 -8.15 -14.08
N TYR A 116 9.45 -7.80 -14.66
CA TYR A 116 9.99 -8.51 -15.81
C TYR A 116 11.48 -8.72 -15.55
N GLU A 117 11.90 -9.98 -15.54
CA GLU A 117 13.30 -10.35 -15.40
CA GLU A 117 13.30 -10.35 -15.40
C GLU A 117 13.94 -9.70 -14.17
N GLY A 118 13.18 -9.66 -13.08
CA GLY A 118 13.68 -9.21 -11.79
C GLY A 118 13.35 -7.78 -11.41
N ASP A 119 13.05 -6.92 -12.38
CA ASP A 119 12.81 -5.50 -12.11
C ASP A 119 11.33 -5.18 -12.17
N VAL A 120 10.86 -4.35 -11.23
CA VAL A 120 9.54 -3.75 -11.39
C VAL A 120 9.63 -2.74 -12.53
N ILE A 121 8.77 -2.91 -13.54
CA ILE A 121 8.81 -2.09 -14.74
C ILE A 121 7.61 -1.18 -14.88
N ASP A 122 6.55 -1.39 -14.10
CA ASP A 122 5.38 -0.54 -14.21
C ASP A 122 4.46 -0.84 -13.03
N GLU A 123 3.58 0.10 -12.74
CA GLU A 123 2.64 -0.08 -11.64
C GLU A 123 1.48 0.88 -11.84
N VAL A 124 0.36 0.57 -11.19
CA VAL A 124 -0.88 1.32 -11.37
C VAL A 124 -1.72 1.15 -10.11
N GLU A 125 -2.39 2.22 -9.70
CA GLU A 125 -3.31 2.19 -8.58
C GLU A 125 -4.77 2.16 -9.04
N PHE A 126 -5.62 1.50 -8.25
CA PHE A 126 -7.07 1.59 -8.45
C PHE A 126 -7.80 1.48 -7.12
N LEU A 127 -9.03 2.02 -7.07
CA LEU A 127 -9.90 1.91 -5.91
C LEU A 127 -10.99 0.87 -6.18
N VAL A 128 -11.39 0.13 -5.14
CA VAL A 128 -12.59 -0.72 -5.14
C VAL A 128 -13.57 -0.13 -4.14
N ARG A 129 -14.80 0.13 -4.58
CA ARG A 129 -15.78 0.75 -3.70
C ARG A 129 -17.04 -0.11 -3.55
N SER A 130 -17.66 -0.01 -2.38
CA SER A 130 -18.98 -0.62 -2.18
C SER A 130 -19.99 0.03 -3.10
N THR A 131 -20.77 -0.81 -3.78
CA THR A 131 -21.81 -0.33 -4.68
C THR A 131 -22.92 0.38 -3.92
N ARG A 132 -22.61 1.58 -3.39
CA ARG A 132 -23.55 2.37 -2.61
C ARG A 132 -23.00 3.77 -2.36
N THR A 133 -23.45 4.75 -3.18
CA THR A 133 -23.13 6.19 -3.21
C THR A 133 -21.91 6.47 -4.07
N PRO A 134 -22.01 7.37 -5.05
CA PRO A 134 -20.89 7.57 -5.98
C PRO A 134 -19.71 8.32 -5.37
N TYR A 135 -18.53 8.07 -5.95
CA TYR A 135 -17.28 8.68 -5.55
C TYR A 135 -17.06 9.95 -6.37
N ILE A 136 -17.05 11.10 -5.70
CA ILE A 136 -16.85 12.39 -6.36
C ILE A 136 -15.35 12.68 -6.42
N GLU A 137 -14.82 12.81 -7.64
CA GLU A 137 -13.39 12.73 -7.86
C GLU A 137 -12.61 13.79 -7.07
N ASP A 138 -13.18 14.99 -6.93
CA ASP A 138 -12.44 16.10 -6.34
C ASP A 138 -12.66 16.27 -4.84
N THR A 139 -13.74 15.72 -4.29
CA THR A 139 -14.09 15.97 -2.89
C THR A 139 -14.01 14.74 -1.99
N SER A 140 -13.98 13.53 -2.56
CA SER A 140 -14.01 12.30 -1.76
C SER A 140 -12.66 12.03 -1.10
N SER A 141 -12.73 11.46 0.10
CA SER A 141 -11.54 11.08 0.86
C SER A 141 -11.89 9.88 1.74
N SER A 142 -10.87 9.10 2.10
CA SER A 142 -11.09 7.90 2.90
C SER A 142 -11.62 8.20 4.29
N ALA A 143 -11.62 9.46 4.73
CA ALA A 143 -12.00 9.81 6.08
C ALA A 143 -13.35 10.54 6.16
N ASP A 144 -14.17 10.47 5.11
CA ASP A 144 -15.49 11.08 5.15
C ASP A 144 -16.55 10.02 5.49
N ASP A 145 -17.78 10.52 5.72
CA ASP A 145 -18.86 9.64 6.18
C ASP A 145 -19.19 8.55 5.17
N ILE A 146 -19.08 8.84 3.88
CA ILE A 146 -19.48 7.89 2.84
C ILE A 146 -18.43 6.80 2.65
N GLU A 147 -17.15 7.18 2.61
CA GLU A 147 -16.08 6.20 2.41
C GLU A 147 -15.75 5.41 3.66
N LYS A 148 -15.86 6.02 4.84
CA LYS A 148 -15.55 5.34 6.10
C LYS A 148 -16.77 4.59 6.62
N THR B 13 9.80 7.37 28.90
CA THR B 13 9.34 7.47 27.51
C THR B 13 10.28 6.69 26.58
N GLY B 14 9.70 6.06 25.56
CA GLY B 14 10.47 5.30 24.59
C GLY B 14 11.11 6.19 23.53
N GLU B 15 11.58 5.53 22.47
CA GLU B 15 12.32 6.20 21.39
C GLU B 15 11.87 5.68 20.04
N PHE B 16 11.65 6.59 19.08
CA PHE B 16 11.43 6.20 17.70
C PHE B 16 12.73 6.31 16.90
N GLY B 17 12.95 5.33 16.00
CA GLY B 17 14.04 5.40 15.05
C GLY B 17 13.53 5.15 13.65
N TRP B 18 14.27 5.64 12.65
CA TRP B 18 13.77 5.67 11.28
C TRP B 18 14.88 5.36 10.30
N VAL B 19 14.52 4.71 9.20
CA VAL B 19 15.40 4.60 8.04
C VAL B 19 14.56 4.64 6.77
N LEU B 20 15.08 5.28 5.73
CA LEU B 20 14.41 5.33 4.43
C LEU B 20 15.01 4.29 3.50
N LEU B 21 14.14 3.49 2.86
CA LEU B 21 14.56 2.43 1.96
C LEU B 21 14.07 2.69 0.55
N ASP B 22 14.92 2.42 -0.44
CA ASP B 22 14.50 2.53 -1.82
C ASP B 22 13.86 1.22 -2.27
N GLU B 23 12.68 1.32 -2.85
CA GLU B 23 11.98 0.13 -3.35
C GLU B 23 12.79 -0.58 -4.43
N MET B 34 17.55 -5.90 8.36
CA MET B 34 17.66 -4.57 8.94
C MET B 34 18.08 -4.62 10.41
N THR B 35 19.21 -3.99 10.73
CA THR B 35 19.73 -3.98 12.08
C THR B 35 19.16 -2.80 12.86
N VAL B 36 19.04 -2.98 14.18
CA VAL B 36 18.53 -1.89 15.02
C VAL B 36 19.44 -0.67 14.93
N GLY B 37 20.75 -0.90 14.79
CA GLY B 37 21.68 0.19 14.63
C GLY B 37 21.53 0.94 13.32
N GLU B 38 20.81 0.38 12.35
CA GLU B 38 20.61 1.07 11.08
C GLU B 38 19.66 2.25 11.21
N TYR B 39 18.93 2.35 12.32
CA TYR B 39 17.93 3.39 12.45
C TYR B 39 18.54 4.64 13.06
N THR B 40 17.99 5.78 12.67
CA THR B 40 18.36 7.06 13.25
C THR B 40 17.33 7.45 14.29
N ILE B 41 17.76 7.61 15.53
CA ILE B 41 16.85 7.88 16.63
C ILE B 41 16.52 9.37 16.66
N THR B 42 15.25 9.71 16.46
CA THR B 42 14.78 11.09 16.62
C THR B 42 13.27 11.12 16.46
N ARG B 43 12.65 12.09 17.14
CA ARG B 43 11.22 12.33 16.99
C ARG B 43 10.92 13.77 16.60
N LYS B 44 11.93 14.56 16.22
CA LYS B 44 11.74 15.97 15.94
C LYS B 44 11.91 16.28 14.47
N ASN B 45 11.09 17.20 13.95
CA ASN B 45 11.24 17.77 12.61
C ASN B 45 11.35 16.69 11.54
N LEU B 46 10.48 15.69 11.60
CA LEU B 46 10.59 14.56 10.69
C LEU B 46 9.90 14.90 9.38
N ILE B 47 10.66 14.88 8.29
CA ILE B 47 10.12 15.20 6.97
C ILE B 47 10.69 14.16 6.02
N PHE B 48 9.82 13.33 5.47
CA PHE B 48 10.19 12.21 4.62
C PHE B 48 9.66 12.41 3.20
N PRO B 49 10.35 11.87 2.21
CA PRO B 49 9.88 12.00 0.82
C PRO B 49 8.79 10.96 0.55
N ASP B 50 8.11 11.14 -0.58
CA ASP B 50 7.04 10.23 -0.97
C ASP B 50 7.51 9.11 -1.89
N ASP B 51 8.82 8.95 -2.09
CA ASP B 51 9.35 7.94 -2.99
C ASP B 51 10.28 6.96 -2.30
N LYS B 52 10.20 6.88 -0.96
CA LYS B 52 10.97 5.92 -0.20
C LYS B 52 10.05 5.22 0.80
N THR B 53 10.38 3.96 1.09
CA THR B 53 9.67 3.27 2.17
C THR B 53 10.17 3.78 3.51
N ILE B 54 9.24 4.22 4.34
CA ILE B 54 9.54 4.79 5.65
C ILE B 54 9.50 3.64 6.66
N CYS B 55 10.67 3.31 7.21
CA CYS B 55 10.80 2.21 8.17
C CYS B 55 11.03 2.80 9.55
N TYR B 56 10.29 2.31 10.55
CA TYR B 56 10.49 2.81 11.91
C TYR B 56 10.77 1.65 12.85
N ILE B 57 11.39 1.99 13.97
CA ILE B 57 11.49 1.11 15.14
C ILE B 57 10.99 1.92 16.32
N TYR B 58 10.31 1.26 17.27
CA TYR B 58 9.97 1.90 18.54
C TYR B 58 10.60 1.06 19.65
N ARG B 59 11.46 1.69 20.45
CA ARG B 59 12.03 1.02 21.61
C ARG B 59 11.29 1.46 22.87
N PHE B 60 10.69 0.51 23.58
CA PHE B 60 9.89 0.82 24.75
C PHE B 60 10.78 1.27 25.91
N SER B 61 10.23 2.16 26.73
CA SER B 61 10.93 2.61 27.93
C SER B 61 10.92 1.56 29.06
N ARG B 62 10.06 0.56 28.98
CA ARG B 62 10.00 -0.50 29.98
C ARG B 62 10.00 -1.85 29.28
N SER B 63 10.44 -2.88 30.01
CA SER B 63 10.42 -4.24 29.47
C SER B 63 9.00 -4.61 29.10
N VAL B 64 8.86 -5.41 28.05
CA VAL B 64 7.56 -5.76 27.50
C VAL B 64 7.51 -7.26 27.23
N SER B 65 6.28 -7.76 27.09
CA SER B 65 6.03 -9.16 26.82
C SER B 65 5.68 -9.36 25.35
N GLU B 66 6.16 -10.46 24.77
CA GLU B 66 5.81 -10.76 23.38
C GLU B 66 4.31 -10.99 23.21
N SER B 67 3.62 -11.43 24.26
CA SER B 67 2.20 -11.76 24.17
C SER B 67 1.29 -10.63 24.66
N ALA B 68 1.85 -9.49 25.05
CA ALA B 68 1.01 -8.37 25.49
C ALA B 68 0.33 -7.69 24.31
N GLU B 69 -0.85 -7.13 24.57
CA GLU B 69 -1.62 -6.45 23.52
C GLU B 69 -0.93 -5.15 23.13
N THR B 70 -0.34 -5.13 21.93
CA THR B 70 0.37 -3.96 21.40
C THR B 70 -0.20 -3.61 20.02
N TYR B 71 -0.48 -2.32 19.80
CA TYR B 71 -0.98 -1.87 18.51
C TYR B 71 -0.26 -0.60 18.10
N VAL B 72 -0.27 -0.34 16.80
CA VAL B 72 0.06 1.00 16.32
C VAL B 72 -1.13 1.49 15.51
N SER B 73 -1.30 2.80 15.45
CA SER B 73 -2.23 3.40 14.51
C SER B 73 -1.50 4.51 13.77
N LEU B 74 -1.91 4.71 12.52
CA LEU B 74 -1.47 5.85 11.75
C LEU B 74 -2.70 6.69 11.43
N SER B 75 -2.55 7.99 11.57
CA SER B 75 -3.63 8.94 11.30
C SER B 75 -3.12 9.95 10.29
N LYS B 76 -3.99 10.39 9.40
CA LYS B 76 -3.64 11.39 8.41
CA LYS B 76 -3.64 11.39 8.41
C LYS B 76 -4.40 12.68 8.68
N PHE B 77 -3.71 13.81 8.58
CA PHE B 77 -4.34 15.09 8.91
C PHE B 77 -5.25 15.55 7.77
N GLN B 78 -6.50 15.83 8.10
CA GLN B 78 -7.38 16.48 7.15
C GLN B 78 -8.05 17.60 7.94
N LEU B 79 -9.26 17.37 8.43
CA LEU B 79 -9.82 18.33 9.39
C LEU B 79 -9.43 17.80 10.77
N GLY B 80 -8.15 18.01 11.14
CA GLY B 80 -7.58 17.28 12.25
C GLY B 80 -7.15 15.89 11.83
N TYR B 81 -6.48 15.17 12.75
CA TYR B 81 -6.01 13.84 12.42
C TYR B 81 -7.15 12.84 12.42
N ASN B 82 -7.21 11.99 11.38
CA ASN B 82 -8.20 10.93 11.25
C ASN B 82 -7.50 9.59 11.17
N GLU B 83 -7.91 8.65 12.00
CA GLU B 83 -7.28 7.34 12.01
C GLU B 83 -7.41 6.64 10.65
N MET B 84 -6.30 6.12 10.14
CA MET B 84 -6.34 5.38 8.87
C MET B 84 -6.67 3.92 9.13
N ASP B 85 -5.92 3.32 10.03
CA ASP B 85 -6.17 1.94 10.45
CA ASP B 85 -6.08 1.91 10.39
C ASP B 85 -5.29 1.67 11.66
N VAL B 86 -5.49 0.49 12.25
CA VAL B 86 -4.68 0.02 13.37
C VAL B 86 -4.05 -1.31 12.97
N LEU B 87 -2.92 -1.61 13.58
CA LEU B 87 -2.22 -2.84 13.26
C LEU B 87 -1.66 -3.40 14.56
N ARG B 88 -2.00 -4.66 14.85
CA ARG B 88 -1.43 -5.33 16.00
C ARG B 88 0.05 -5.61 15.79
N LYS B 89 0.85 -5.39 16.83
CA LYS B 89 2.29 -5.60 16.75
C LYS B 89 2.70 -6.59 17.82
N ARG B 90 3.72 -7.39 17.50
CA ARG B 90 4.26 -8.35 18.46
C ARG B 90 5.62 -7.86 18.93
N PRO B 91 5.74 -7.38 20.17
CA PRO B 91 7.04 -6.86 20.63
C PRO B 91 8.12 -7.95 20.59
N ASN B 92 9.34 -7.52 20.28
CA ASN B 92 10.51 -8.38 20.46
C ASN B 92 10.98 -8.25 21.90
N PRO B 93 10.88 -9.31 22.71
CA PRO B 93 11.21 -9.18 24.14
C PRO B 93 12.69 -9.09 24.41
N VAL B 94 13.54 -9.41 23.44
CA VAL B 94 14.98 -9.26 23.63
C VAL B 94 15.39 -7.80 23.42
N SER B 95 15.06 -7.27 22.26
CA SER B 95 15.41 -5.89 21.96
C SER B 95 14.44 -4.87 22.54
N GLN B 96 13.28 -5.31 23.05
CA GLN B 96 12.27 -4.42 23.64
C GLN B 96 11.76 -3.42 22.61
N THR B 97 11.39 -3.95 21.44
CA THR B 97 11.04 -3.11 20.30
C THR B 97 9.82 -3.68 19.57
N ILE B 98 9.18 -2.78 18.81
CA ILE B 98 8.35 -3.13 17.66
C ILE B 98 8.91 -2.38 16.45
N GLU B 99 8.62 -2.90 15.26
CA GLU B 99 9.07 -2.32 14.00
C GLU B 99 7.94 -2.33 12.98
N GLY B 100 8.00 -1.41 12.03
CA GLY B 100 7.05 -1.41 10.93
C GLY B 100 7.52 -0.55 9.78
N SER B 101 6.68 -0.43 8.74
CA SER B 101 7.10 0.38 7.60
C SER B 101 5.87 0.83 6.82
N PHE B 102 6.01 1.96 6.13
CA PHE B 102 4.93 2.55 5.35
C PHE B 102 5.41 2.77 3.93
N GLN B 103 4.79 2.09 2.97
CA GLN B 103 5.10 2.25 1.55
C GLN B 103 3.97 3.02 0.90
N GLY B 104 4.30 4.10 0.18
CA GLY B 104 3.30 4.74 -0.67
C GLY B 104 2.34 5.69 0.02
N LEU B 105 2.67 6.22 1.19
CA LEU B 105 1.84 7.25 1.79
C LEU B 105 1.79 8.46 0.88
N SER B 106 0.61 9.04 0.76
CA SER B 106 0.43 10.29 0.05
C SER B 106 1.08 11.44 0.82
N PRO B 107 1.47 12.51 0.12
CA PRO B 107 1.97 13.70 0.81
C PRO B 107 0.95 14.20 1.84
N GLY B 108 1.44 14.59 3.00
CA GLY B 108 0.55 15.10 4.04
C GLY B 108 1.21 14.97 5.40
N LYS B 109 0.38 15.14 6.42
CA LYS B 109 0.83 15.17 7.81
C LYS B 109 0.28 13.95 8.53
N TYR B 110 1.13 13.21 9.24
CA TYR B 110 0.79 11.92 9.82
C TYR B 110 1.11 11.88 11.30
N LEU B 111 0.34 11.07 12.02
CA LEU B 111 0.53 10.88 13.46
C LEU B 111 0.55 9.38 13.70
N LEU B 112 1.64 8.88 14.29
CA LEU B 112 1.81 7.47 14.58
C LEU B 112 1.67 7.31 16.09
N LYS B 113 0.79 6.41 16.51
CA LYS B 113 0.60 6.15 17.94
C LYS B 113 0.97 4.72 18.25
N VAL B 114 1.52 4.52 19.45
CA VAL B 114 1.84 3.20 19.99
C VAL B 114 0.97 2.97 21.23
N ALA B 115 0.27 1.86 21.24
CA ALA B 115 -0.61 1.50 22.35
C ALA B 115 -0.12 0.20 22.97
N TYR B 116 -0.11 0.17 24.29
CA TYR B 116 0.33 -1.01 25.03
C TYR B 116 -0.73 -1.30 26.10
N GLU B 117 -1.32 -2.49 26.03
CA GLU B 117 -2.33 -2.94 26.99
CA GLU B 117 -2.34 -2.94 26.98
C GLU B 117 -3.48 -1.93 27.10
N GLY B 118 -3.89 -1.37 25.96
CA GLY B 118 -5.02 -0.48 25.90
C GLY B 118 -4.72 0.99 26.05
N ASP B 119 -3.54 1.36 26.51
CA ASP B 119 -3.18 2.75 26.71
C ASP B 119 -2.27 3.23 25.57
N VAL B 120 -2.58 4.40 25.02
CA VAL B 120 -1.63 5.05 24.14
C VAL B 120 -0.46 5.51 25.01
N ILE B 121 0.72 4.96 24.72
CA ILE B 121 1.90 5.22 25.55
C ILE B 121 2.90 6.15 24.87
N ASP B 122 2.77 6.39 23.56
CA ASP B 122 3.69 7.31 22.88
C ASP B 122 3.11 7.63 21.51
N GLU B 123 3.61 8.71 20.93
CA GLU B 123 3.16 9.09 19.60
C GLU B 123 4.18 10.03 18.98
N VAL B 124 4.13 10.16 17.66
CA VAL B 124 5.11 10.96 16.94
C VAL B 124 4.48 11.45 15.65
N GLU B 125 4.83 12.67 15.24
CA GLU B 125 4.33 13.24 14.00
C GLU B 125 5.41 13.25 12.93
N PHE B 126 5.01 13.07 11.67
CA PHE B 126 5.94 13.26 10.59
C PHE B 126 5.20 13.77 9.36
N LEU B 127 5.96 14.42 8.48
CA LEU B 127 5.46 14.95 7.22
C LEU B 127 5.94 14.06 6.10
N VAL B 128 5.08 13.83 5.10
CA VAL B 128 5.51 13.26 3.83
C VAL B 128 5.44 14.34 2.78
N ARG B 129 6.54 14.57 2.06
CA ARG B 129 6.58 15.65 1.07
C ARG B 129 6.69 15.07 -0.33
N SER B 130 6.07 15.74 -1.28
CA SER B 130 6.17 15.34 -2.67
C SER B 130 7.57 15.68 -3.16
N THR B 131 8.18 14.75 -3.89
CA THR B 131 9.44 15.01 -4.57
C THR B 131 9.25 15.54 -5.97
N ARG B 132 8.02 15.84 -6.37
CA ARG B 132 7.74 16.35 -7.71
C ARG B 132 7.51 17.86 -7.69
#